data_5IOR
#
_entry.id   5IOR
#
_cell.length_a   109.679
_cell.length_b   109.679
_cell.length_c   119.864
_cell.angle_alpha   90.00
_cell.angle_beta   90.00
_cell.angle_gamma   90.00
#
_symmetry.space_group_name_H-M   'I 41 2 2'
#
loop_
_entity.id
_entity.type
_entity.pdbx_description
1 polymer 'Thymidylate synthase ThyX'
2 non-polymer 'FLAVIN-ADENINE DINUCLEOTIDE'
3 non-polymer "2'-deoxy-5'-O-sulfouridine"
4 non-polymer RIBOFLAVIN
5 water water
#
_entity_poly.entity_id   1
_entity_poly.type   'polypeptide(L)'
_entity_poly.pdbx_seq_one_letter_code
;MGSDKIHHHHHHMKIDILDKGFVELVDVMGNDLSAVRAARVSFDMGLKDEERDRHLIEYLMKHGHETPFEHIVFTFHVKA
PIFVARQWFRHRIASYNELSGRYSKLSYEFYIPSPERLEGYKTTIPPERVTEKISEIVDKAYRTYLELIESGVPREVARI
VLPLNLYTRFFWTVNARSLMNFLNLRADSHAQWEIQQYALAIARIFKEKCPWTFEAFLKYAYKGDILKEVQV
;
_entity_poly.pdbx_strand_id   A
#
# COMPACT_ATOMS: atom_id res chain seq x y z
N LYS A 14 -5.17 -9.25 -8.08
CA LYS A 14 -4.87 -9.54 -6.64
C LYS A 14 -3.47 -10.11 -6.41
N ILE A 15 -2.67 -9.40 -5.61
CA ILE A 15 -1.31 -9.79 -5.35
C ILE A 15 -1.16 -10.06 -3.86
N ASP A 16 -0.66 -11.25 -3.52
CA ASP A 16 -0.38 -11.61 -2.14
C ASP A 16 0.85 -10.92 -1.63
N ILE A 17 0.78 -10.44 -0.38
CA ILE A 17 1.87 -9.71 0.25
C ILE A 17 2.07 -10.25 1.66
N LEU A 18 3.32 -10.35 2.09
CA LEU A 18 3.66 -10.88 3.42
C LEU A 18 3.03 -12.26 3.58
N ASP A 19 2.66 -12.67 4.79
CA ASP A 19 2.16 -14.03 4.99
C ASP A 19 0.66 -14.14 4.69
N LYS A 20 -0.12 -13.08 4.97
CA LYS A 20 -1.59 -13.14 4.83
C LYS A 20 -2.17 -11.87 4.20
N GLY A 21 -1.33 -10.96 3.72
CA GLY A 21 -1.80 -9.69 3.19
C GLY A 21 -2.12 -9.77 1.71
N PHE A 22 -2.70 -8.70 1.19
CA PHE A 22 -2.93 -8.58 -0.25
C PHE A 22 -3.12 -7.15 -0.67
N VAL A 23 -2.92 -6.93 -1.97
CA VAL A 23 -3.33 -5.73 -2.66
C VAL A 23 -4.14 -6.16 -3.87
N GLU A 24 -5.29 -5.53 -4.04
CA GLU A 24 -6.17 -5.82 -5.15
C GLU A 24 -6.69 -4.52 -5.76
N LEU A 25 -6.64 -4.42 -7.08
CA LEU A 25 -7.29 -3.33 -7.79
C LEU A 25 -8.80 -3.55 -7.88
N VAL A 26 -9.58 -2.60 -7.37
CA VAL A 26 -11.03 -2.70 -7.38
C VAL A 26 -11.59 -1.95 -8.58
N ASP A 27 -11.00 -0.79 -8.91
CA ASP A 27 -11.51 0.01 -10.00
C ASP A 27 -10.43 0.99 -10.42
N VAL A 28 -10.54 1.50 -11.64
CA VAL A 28 -9.61 2.49 -12.15
C VAL A 28 -10.37 3.44 -13.07
N MET A 29 -10.05 4.72 -13.05
CA MET A 29 -10.56 5.63 -14.05
C MET A 29 -9.40 6.09 -14.90
N GLY A 30 -9.49 5.80 -16.19
CA GLY A 30 -8.59 6.37 -17.14
C GLY A 30 -7.38 5.52 -17.40
N ASN A 31 -6.43 6.09 -18.11
CA ASN A 31 -5.19 5.42 -18.48
C ASN A 31 -4.22 6.53 -18.87
N ASP A 32 -3.13 6.18 -19.55
CA ASP A 32 -2.14 7.17 -19.96
C ASP A 32 -2.78 8.33 -20.73
N LEU A 33 -3.75 8.02 -21.57
CA LEU A 33 -4.39 9.00 -22.44
C LEU A 33 -5.24 10.00 -21.65
N SER A 34 -5.72 9.60 -20.47
CA SER A 34 -6.43 10.53 -19.60
C SER A 34 -5.57 11.73 -19.20
N ALA A 35 -4.28 11.51 -18.96
CA ALA A 35 -3.38 12.60 -18.61
C ALA A 35 -3.08 13.48 -19.80
N VAL A 36 -2.87 12.86 -20.96
CA VAL A 36 -2.62 13.60 -22.18
C VAL A 36 -3.81 14.49 -22.52
N ARG A 37 -5.01 13.93 -22.45
CA ARG A 37 -6.21 14.68 -22.78
C ARG A 37 -6.46 15.84 -21.84
N ALA A 38 -6.23 15.63 -20.53
CA ALA A 38 -6.34 16.71 -19.56
C ALA A 38 -5.29 17.76 -19.81
N ALA A 39 -4.05 17.35 -20.10
CA ALA A 39 -2.98 18.32 -20.34
C ALA A 39 -3.31 19.22 -21.52
N ARG A 40 -3.87 18.64 -22.58
CA ARG A 40 -4.23 19.41 -23.77
C ARG A 40 -5.63 20.05 -23.67
N VAL A 41 -6.41 19.73 -22.65
CA VAL A 41 -7.84 20.10 -22.60
C VAL A 41 -8.52 19.72 -23.92
N SER A 42 -8.37 18.44 -24.25
CA SER A 42 -8.67 17.92 -25.58
C SER A 42 -10.15 17.58 -25.75
N PHE A 43 -10.70 17.93 -26.91
CA PHE A 43 -12.02 17.44 -27.32
C PHE A 43 -11.92 16.04 -27.93
N ASP A 44 -10.71 15.66 -28.34
CA ASP A 44 -10.47 14.39 -29.03
CA ASP A 44 -10.52 14.38 -29.03
C ASP A 44 -10.61 13.21 -28.07
N MET A 45 -11.39 12.20 -28.47
CA MET A 45 -11.45 10.96 -27.74
C MET A 45 -11.22 9.89 -28.80
N GLY A 46 -10.08 10.01 -29.48
CA GLY A 46 -9.76 9.22 -30.67
C GLY A 46 -8.85 8.04 -30.42
N LYS A 48 -5.40 7.09 -29.86
CA LYS A 48 -4.01 6.95 -29.41
C LYS A 48 -3.03 7.24 -30.55
N ASP A 49 -2.05 8.10 -30.29
CA ASP A 49 -0.90 8.28 -31.19
C ASP A 49 0.34 8.14 -30.33
N GLU A 50 0.91 6.94 -30.31
CA GLU A 50 1.93 6.63 -29.31
C GLU A 50 3.03 7.66 -29.29
N GLU A 51 3.62 7.98 -30.44
CA GLU A 51 4.82 8.79 -30.42
C GLU A 51 4.53 10.14 -29.77
N ARG A 52 3.48 10.80 -30.25
CA ARG A 52 3.12 12.13 -29.77
C ARG A 52 2.65 12.13 -28.31
N ASP A 53 1.77 11.20 -27.96
CA ASP A 53 1.21 11.17 -26.62
C ASP A 53 2.28 10.78 -25.62
N ARG A 54 3.09 9.81 -25.99
CA ARG A 54 4.16 9.38 -25.12
C ARG A 54 5.19 10.50 -24.87
N HIS A 55 5.55 11.24 -25.91
CA HIS A 55 6.48 12.35 -25.70
C HIS A 55 5.90 13.43 -24.78
N LEU A 56 4.59 13.70 -24.88
CA LEU A 56 3.98 14.70 -24.01
C LEU A 56 4.06 14.23 -22.55
N ILE A 57 3.76 12.96 -22.32
CA ILE A 57 3.89 12.37 -20.98
C ILE A 57 5.29 12.51 -20.42
N GLU A 58 6.30 12.21 -21.22
CA GLU A 58 7.68 12.40 -20.81
C GLU A 58 8.03 13.85 -20.54
N TYR A 59 7.53 14.76 -21.37
CA TYR A 59 7.82 16.19 -21.19
C TYR A 59 7.27 16.66 -19.84
N LEU A 60 6.01 16.29 -19.57
CA LEU A 60 5.35 16.68 -18.33
C LEU A 60 6.13 16.16 -17.11
N MET A 61 6.50 14.89 -17.20
CA MET A 61 7.18 14.21 -16.10
C MET A 61 8.57 14.82 -15.89
N LYS A 62 9.30 15.04 -16.96
CA LYS A 62 10.67 15.51 -16.77
C LYS A 62 10.74 16.96 -16.32
N HIS A 63 9.71 17.75 -16.62
CA HIS A 63 9.71 19.18 -16.26
C HIS A 63 8.82 19.48 -15.07
N GLY A 64 8.41 18.45 -14.33
CA GLY A 64 7.71 18.65 -13.07
C GLY A 64 6.24 19.06 -13.20
N HIS A 65 5.65 18.91 -14.37
CA HIS A 65 4.25 19.33 -14.56
C HIS A 65 3.35 18.12 -14.34
N GLU A 66 3.07 17.78 -13.09
CA GLU A 66 2.41 16.52 -12.76
C GLU A 66 0.90 16.60 -12.53
N THR A 67 0.32 17.81 -12.52
CA THR A 67 -1.14 17.92 -12.32
C THR A 67 -1.97 17.07 -13.33
N PRO A 68 -1.51 16.93 -14.59
CA PRO A 68 -2.34 16.13 -15.50
C PRO A 68 -2.54 14.66 -15.07
N PHE A 69 -1.60 14.14 -14.29
CA PHE A 69 -1.67 12.75 -13.83
C PHE A 69 -2.69 12.55 -12.72
N GLU A 70 -3.20 13.65 -12.17
CA GLU A 70 -4.25 13.60 -11.16
C GLU A 70 -5.59 13.14 -11.75
N HIS A 71 -5.69 13.12 -13.07
CA HIS A 71 -6.94 12.73 -13.75
C HIS A 71 -7.02 11.23 -13.99
N ILE A 72 -5.99 10.51 -13.53
CA ILE A 72 -5.99 9.05 -13.48
C ILE A 72 -6.18 8.65 -12.02
N VAL A 73 -7.17 7.80 -11.76
CA VAL A 73 -7.58 7.47 -10.39
C VAL A 73 -7.72 5.96 -10.21
N PHE A 74 -7.25 5.47 -9.08
CA PHE A 74 -7.32 4.04 -8.74
C PHE A 74 -8.09 3.85 -7.44
N THR A 75 -8.76 2.71 -7.32
CA THR A 75 -9.28 2.24 -6.03
C THR A 75 -8.70 0.85 -5.79
N PHE A 76 -8.03 0.69 -4.65
CA PHE A 76 -7.46 -0.57 -4.21
C PHE A 76 -8.15 -1.04 -2.93
N HIS A 77 -8.16 -2.36 -2.77
CA HIS A 77 -8.53 -3.01 -1.54
C HIS A 77 -7.23 -3.61 -1.00
N VAL A 78 -6.86 -3.22 0.21
CA VAL A 78 -5.62 -3.62 0.84
C VAL A 78 -5.87 -4.31 2.17
N LYS A 79 -5.17 -5.43 2.37
CA LYS A 79 -5.13 -6.13 3.64
C LYS A 79 -3.69 -6.08 4.14
N ALA A 80 -3.50 -5.42 5.28
CA ALA A 80 -2.15 -5.20 5.82
C ALA A 80 -2.20 -5.08 7.33
N PRO A 81 -1.06 -5.30 8.01
CA PRO A 81 -1.05 -5.14 9.45
C PRO A 81 -1.18 -3.68 9.82
N ILE A 82 -1.69 -3.44 11.03
CA ILE A 82 -1.93 -2.05 11.46
C ILE A 82 -0.67 -1.21 11.41
N PHE A 83 0.49 -1.76 11.81
CA PHE A 83 1.70 -0.95 11.78
C PHE A 83 2.05 -0.47 10.35
N VAL A 84 1.68 -1.25 9.34
CA VAL A 84 1.83 -0.82 7.94
C VAL A 84 0.77 0.22 7.56
N ALA A 85 -0.49 -0.06 7.89
CA ALA A 85 -1.58 0.87 7.66
C ALA A 85 -1.34 2.27 8.27
N ARG A 86 -0.74 2.34 9.47
N ARG A 86 -0.76 2.32 9.48
CA ARG A 86 -0.52 3.64 10.10
CA ARG A 86 -0.45 3.59 10.14
C ARG A 86 0.49 4.49 9.32
C ARG A 86 0.43 4.47 9.24
N GLN A 87 1.44 3.84 8.64
CA GLN A 87 2.38 4.55 7.77
C GLN A 87 1.65 5.00 6.49
N TRP A 88 0.88 4.09 5.95
CA TRP A 88 0.16 4.30 4.70
C TRP A 88 -0.85 5.47 4.81
N PHE A 89 -1.58 5.49 5.93
CA PHE A 89 -2.61 6.48 6.19
C PHE A 89 -2.05 7.87 6.45
N ARG A 90 -0.71 8.00 6.54
CA ARG A 90 -0.10 9.32 6.59
C ARG A 90 -0.17 10.06 5.24
N HIS A 91 -0.45 9.33 4.18
CA HIS A 91 -0.65 9.91 2.86
C HIS A 91 -2.04 10.54 2.77
N ARG A 92 -2.06 11.84 3.04
CA ARG A 92 -3.29 12.63 3.19
C ARG A 92 -4.03 12.90 1.88
N ILE A 93 -3.33 12.91 0.75
CA ILE A 93 -3.96 13.23 -0.55
C ILE A 93 -4.45 11.93 -1.19
N ALA A 94 -5.54 11.45 -0.64
CA ALA A 94 -6.12 10.16 -0.96
C ALA A 94 -7.34 9.97 -0.06
N SER A 95 -8.09 8.91 -0.31
CA SER A 95 -9.31 8.62 0.43
C SER A 95 -9.18 7.21 1.00
N TYR A 96 -9.65 7.01 2.23
CA TYR A 96 -9.53 5.73 2.94
C TYR A 96 -10.86 5.36 3.57
N ASN A 97 -11.19 4.07 3.54
CA ASN A 97 -12.16 3.55 4.49
C ASN A 97 -11.72 2.19 4.97
N GLU A 98 -11.74 2.05 6.30
CA GLU A 98 -11.13 0.95 7.01
C GLU A 98 -12.12 0.24 7.94
N LEU A 99 -11.89 -1.04 8.16
CA LEU A 99 -12.65 -1.83 9.12
C LEU A 99 -12.61 -1.17 10.49
N SER A 100 -13.71 -1.24 11.21
CA SER A 100 -13.80 -0.67 12.54
C SER A 100 -13.75 -1.71 13.64
N GLY A 101 -12.85 -1.52 14.59
CA GLY A 101 -12.80 -2.36 15.77
C GLY A 101 -13.71 -1.82 16.87
N ARG A 102 -14.36 -0.68 16.61
CA ARG A 102 -15.44 -0.22 17.47
C ARG A 102 -16.75 -0.96 17.18
N TYR A 103 -17.01 -1.25 15.91
CA TYR A 103 -18.32 -1.76 15.47
C TYR A 103 -18.31 -3.23 15.08
N SER A 104 -17.15 -3.85 14.97
CA SER A 104 -17.15 -5.29 14.79
C SER A 104 -15.99 -5.96 15.48
N LYS A 105 -16.15 -7.26 15.68
CA LYS A 105 -15.11 -8.08 16.25
C LYS A 105 -14.00 -8.21 15.22
N LEU A 106 -12.76 -8.06 15.67
CA LEU A 106 -11.61 -8.14 14.78
C LEU A 106 -11.16 -9.59 14.70
N SER A 107 -10.73 -10.01 13.52
CA SER A 107 -10.35 -11.40 13.26
C SER A 107 -8.98 -11.75 13.81
N TYR A 108 -8.83 -13.03 14.10
CA TYR A 108 -7.57 -13.56 14.56
C TYR A 108 -6.65 -13.74 13.36
N GLU A 109 -5.93 -12.69 12.99
CA GLU A 109 -4.99 -12.74 11.89
C GLU A 109 -3.88 -11.76 12.17
N PHE A 110 -2.67 -12.27 12.28
CA PHE A 110 -1.50 -11.46 12.61
C PHE A 110 -0.37 -11.71 11.62
N TYR A 111 0.44 -10.66 11.39
CA TYR A 111 1.66 -10.81 10.62
C TYR A 111 2.75 -11.39 11.50
N ILE A 112 3.23 -12.57 11.10
CA ILE A 112 4.35 -13.20 11.78
C ILE A 112 5.50 -13.15 10.78
N PRO A 113 6.58 -12.42 11.12
CA PRO A 113 7.70 -12.37 10.20
C PRO A 113 8.27 -13.77 9.95
N SER A 114 8.72 -14.02 8.73
CA SER A 114 9.43 -15.27 8.45
C SER A 114 10.83 -15.19 9.07
N PRO A 115 11.48 -16.34 9.34
CA PRO A 115 12.88 -16.30 9.79
C PRO A 115 13.82 -15.46 8.89
N GLU A 116 13.58 -15.52 7.57
CA GLU A 116 14.28 -14.68 6.57
C GLU A 116 14.23 -13.17 6.83
N ARG A 117 13.18 -12.69 7.48
CA ARG A 117 13.05 -11.27 7.81
C ARG A 117 14.27 -10.72 8.58
N LEU A 118 14.93 -11.58 9.34
CA LEU A 118 16.09 -11.17 10.14
C LEU A 118 17.48 -11.34 9.47
N GLU A 119 17.49 -11.67 8.18
CA GLU A 119 18.74 -11.79 7.41
C GLU A 119 19.59 -10.54 7.55
N GLY A 120 20.87 -10.73 7.85
CA GLY A 120 21.78 -9.62 8.06
C GLY A 120 21.84 -9.17 9.51
N TYR A 121 20.90 -9.63 10.33
CA TYR A 121 20.90 -9.32 11.77
C TYR A 121 21.36 -10.53 12.57
N LYS A 122 22.47 -10.37 13.27
CA LYS A 122 22.91 -11.39 14.21
C LYS A 122 22.05 -11.22 15.45
N THR A 123 21.29 -12.25 15.78
CA THR A 123 20.42 -12.25 16.95
C THR A 123 20.93 -13.27 17.94
N THR A 124 20.80 -12.96 19.23
CA THR A 124 21.33 -13.84 20.26
C THR A 124 20.38 -14.98 20.57
N ILE A 125 19.18 -14.96 19.99
CA ILE A 125 18.34 -16.14 19.95
C ILE A 125 18.02 -16.50 18.49
N PRO A 126 17.79 -17.78 18.21
CA PRO A 126 17.58 -18.16 16.81
C PRO A 126 16.33 -17.50 16.17
N PRO A 127 16.42 -17.18 14.87
CA PRO A 127 15.30 -16.60 14.11
C PRO A 127 13.97 -17.34 14.31
N GLU A 128 14.02 -18.66 14.32
CA GLU A 128 12.83 -19.47 14.57
C GLU A 128 12.21 -19.23 15.94
N ARG A 129 13.05 -18.96 16.94
CA ARG A 129 12.57 -18.67 18.29
C ARG A 129 11.96 -17.25 18.36
N VAL A 130 12.50 -16.32 17.57
CA VAL A 130 11.89 -14.99 17.47
C VAL A 130 10.48 -15.14 16.91
N THR A 131 10.37 -15.89 15.82
CA THR A 131 9.09 -16.21 15.18
C THR A 131 8.09 -16.73 16.21
N GLU A 132 8.47 -17.75 16.95
CA GLU A 132 7.52 -18.33 17.88
C GLU A 132 7.18 -17.43 19.07
N LYS A 133 8.13 -16.63 19.55
CA LYS A 133 7.84 -15.67 20.62
C LYS A 133 6.81 -14.61 20.20
N ILE A 134 6.86 -14.21 18.93
CA ILE A 134 5.88 -13.27 18.40
C ILE A 134 4.49 -13.94 18.35
N SER A 135 4.42 -15.17 17.83
CA SER A 135 3.18 -15.95 17.80
C SER A 135 2.58 -16.12 19.18
N GLU A 136 3.43 -16.38 20.16
CA GLU A 136 2.96 -16.65 21.51
C GLU A 136 2.29 -15.43 22.10
N ILE A 137 2.93 -14.26 22.01
CA ILE A 137 2.37 -13.06 22.60
C ILE A 137 1.09 -12.62 21.88
N VAL A 138 1.02 -12.76 20.55
CA VAL A 138 -0.22 -12.38 19.86
C VAL A 138 -1.39 -13.30 20.23
N ASP A 139 -1.10 -14.58 20.40
N ASP A 139 -1.11 -14.59 20.41
CA ASP A 139 -2.09 -15.54 20.86
CA ASP A 139 -2.11 -15.55 20.87
C ASP A 139 -2.63 -15.18 22.25
C ASP A 139 -2.64 -15.18 22.26
N LYS A 140 -1.73 -14.86 23.18
CA LYS A 140 -2.16 -14.42 24.54
C LYS A 140 -2.99 -13.13 24.50
N ALA A 141 -2.55 -12.16 23.68
CA ALA A 141 -3.27 -10.90 23.58
C ALA A 141 -4.67 -11.12 22.98
N TYR A 142 -4.78 -11.97 21.96
CA TYR A 142 -6.09 -12.21 21.34
C TYR A 142 -7.01 -12.95 22.33
N ARG A 143 -6.46 -13.88 23.10
CA ARG A 143 -7.26 -14.59 24.08
C ARG A 143 -7.79 -13.63 25.14
N THR A 144 -6.97 -12.66 25.55
CA THR A 144 -7.43 -11.61 26.48
C THR A 144 -8.53 -10.74 25.86
N TYR A 145 -8.35 -10.32 24.61
CA TYR A 145 -9.35 -9.58 23.86
C TYR A 145 -10.70 -10.29 23.88
N LEU A 146 -10.67 -11.58 23.55
CA LEU A 146 -11.86 -12.41 23.53
C LEU A 146 -12.49 -12.57 24.92
N GLU A 147 -11.68 -12.82 25.94
CA GLU A 147 -12.19 -12.90 27.32
C GLU A 147 -12.88 -11.59 27.72
N LEU A 148 -12.29 -10.45 27.35
CA LEU A 148 -12.92 -9.17 27.65
C LEU A 148 -14.25 -8.99 26.91
N ILE A 149 -14.25 -9.26 25.60
CA ILE A 149 -15.48 -9.19 24.79
C ILE A 149 -16.56 -10.07 25.40
N GLU A 150 -16.18 -11.30 25.74
CA GLU A 150 -17.12 -12.29 26.24
C GLU A 150 -17.61 -12.01 27.67
N SER A 151 -16.93 -11.12 28.38
CA SER A 151 -17.36 -10.65 29.69
CA SER A 151 -17.37 -10.66 29.69
C SER A 151 -18.25 -9.41 29.63
N GLY A 152 -18.49 -8.89 28.42
CA GLY A 152 -19.34 -7.71 28.23
C GLY A 152 -18.61 -6.38 28.15
N VAL A 153 -17.29 -6.42 28.10
CA VAL A 153 -16.54 -5.19 27.86
C VAL A 153 -16.79 -4.73 26.41
N PRO A 154 -17.14 -3.44 26.22
CA PRO A 154 -17.38 -3.01 24.83
C PRO A 154 -16.17 -3.25 23.94
N ARG A 155 -16.44 -3.65 22.71
CA ARG A 155 -15.41 -3.95 21.72
C ARG A 155 -14.41 -2.82 21.57
N GLU A 156 -14.91 -1.57 21.63
CA GLU A 156 -14.01 -0.41 21.40
C GLU A 156 -12.94 -0.29 22.47
N VAL A 157 -13.21 -0.87 23.64
CA VAL A 157 -12.26 -0.91 24.74
C VAL A 157 -11.45 -2.22 24.71
N ALA A 158 -12.13 -3.34 24.52
CA ALA A 158 -11.44 -4.65 24.51
C ALA A 158 -10.29 -4.71 23.51
N ARG A 159 -10.51 -4.11 22.35
CA ARG A 159 -9.56 -4.14 21.25
C ARG A 159 -8.20 -3.47 21.54
N ILE A 160 -8.12 -2.67 22.61
CA ILE A 160 -6.90 -1.89 22.86
C ILE A 160 -5.72 -2.76 23.29
N VAL A 161 -5.99 -4.01 23.69
CA VAL A 161 -4.93 -4.94 24.03
C VAL A 161 -4.32 -5.66 22.82
N LEU A 162 -4.88 -5.47 21.64
CA LEU A 162 -4.39 -6.17 20.45
C LEU A 162 -3.14 -5.50 19.90
N PRO A 163 -2.16 -6.31 19.47
CA PRO A 163 -0.90 -5.76 18.98
C PRO A 163 -0.99 -5.18 17.57
N LEU A 164 0.02 -4.38 17.25
CA LEU A 164 0.10 -3.67 16.01
C LEU A 164 0.28 -4.54 14.79
N ASN A 165 0.64 -5.81 14.97
CA ASN A 165 0.73 -6.71 13.82
C ASN A 165 -0.61 -7.37 13.44
N LEU A 166 -1.69 -7.01 14.13
CA LEU A 166 -3.03 -7.40 13.72
C LEU A 166 -3.33 -6.92 12.29
N TYR A 167 -3.89 -7.79 11.48
CA TYR A 167 -4.30 -7.41 10.12
C TYR A 167 -5.54 -6.53 10.15
N THR A 168 -5.57 -5.55 9.24
CA THR A 168 -6.74 -4.76 9.00
C THR A 168 -6.95 -4.71 7.47
N ARG A 169 -8.07 -4.17 7.02
CA ARG A 169 -8.35 -4.00 5.59
C ARG A 169 -8.90 -2.61 5.35
N PHE A 170 -8.62 -2.06 4.16
CA PHE A 170 -9.14 -0.78 3.76
C PHE A 170 -9.24 -0.64 2.25
N PHE A 171 -10.14 0.23 1.83
CA PHE A 171 -10.19 0.70 0.45
C PHE A 171 -9.40 2.01 0.42
N TRP A 172 -8.61 2.17 -0.64
CA TRP A 172 -7.74 3.32 -0.85
C TRP A 172 -8.02 3.84 -2.23
N THR A 173 -8.51 5.09 -2.32
CA THR A 173 -8.68 5.75 -3.62
C THR A 173 -7.68 6.90 -3.73
N VAL A 174 -6.91 6.85 -4.80
CA VAL A 174 -5.75 7.70 -4.97
C VAL A 174 -5.50 7.97 -6.45
N ASN A 175 -5.15 9.21 -6.78
CA ASN A 175 -4.79 9.57 -8.15
C ASN A 175 -3.32 9.28 -8.44
N ALA A 176 -2.97 9.23 -9.72
CA ALA A 176 -1.64 8.78 -10.12
C ALA A 176 -0.52 9.68 -9.58
N ARG A 177 -0.78 10.98 -9.37
CA ARG A 177 0.23 11.89 -8.85
C ARG A 177 0.55 11.57 -7.40
N SER A 178 -0.49 11.46 -6.57
CA SER A 178 -0.28 11.07 -5.18
C SER A 178 0.29 9.63 -5.10
N LEU A 179 -0.17 8.75 -5.97
CA LEU A 179 0.39 7.40 -6.04
C LEU A 179 1.92 7.43 -6.34
N MET A 180 2.35 8.30 -7.25
CA MET A 180 3.77 8.44 -7.54
C MET A 180 4.57 8.96 -6.35
N ASN A 181 3.99 9.92 -5.61
CA ASN A 181 4.55 10.34 -4.34
C ASN A 181 4.71 9.16 -3.35
N PHE A 182 3.64 8.38 -3.22
CA PHE A 182 3.67 7.16 -2.40
C PHE A 182 4.78 6.20 -2.83
N LEU A 183 4.98 6.05 -4.15
CA LEU A 183 6.04 5.18 -4.62
C LEU A 183 7.43 5.75 -4.36
N ASN A 184 7.61 7.07 -4.52
CA ASN A 184 8.86 7.70 -4.15
C ASN A 184 9.29 7.43 -2.71
N LEU A 185 8.32 7.49 -1.80
CA LEU A 185 8.59 7.37 -0.39
C LEU A 185 8.59 5.93 0.11
N ARG A 186 7.71 5.10 -0.45
CA ARG A 186 7.50 3.74 0.08
C ARG A 186 8.16 2.63 -0.74
N ALA A 187 8.28 2.81 -2.05
CA ALA A 187 9.08 1.90 -2.87
C ALA A 187 10.52 2.39 -2.82
N ASP A 188 11.12 2.28 -1.65
CA ASP A 188 12.43 2.85 -1.39
C ASP A 188 12.99 2.17 -0.17
N SER A 189 14.32 2.03 -0.11
CA SER A 189 14.98 1.30 0.97
C SER A 189 14.83 1.94 2.36
N HIS A 190 14.55 3.24 2.43
CA HIS A 190 14.40 3.92 3.73
C HIS A 190 13.07 3.60 4.39
N ALA A 191 12.10 3.22 3.57
CA ALA A 191 10.80 2.80 4.08
C ALA A 191 10.93 1.42 4.72
N GLN A 192 10.04 1.13 5.67
CA GLN A 192 10.07 -0.17 6.32
C GLN A 192 9.83 -1.29 5.29
N TRP A 193 10.62 -2.36 5.41
CA TRP A 193 10.56 -3.47 4.44
C TRP A 193 9.12 -3.92 4.16
N GLU A 194 8.33 -4.09 5.22
CA GLU A 194 6.96 -4.56 5.07
C GLU A 194 6.10 -3.67 4.15
N ILE A 195 6.21 -2.33 4.26
CA ILE A 195 5.48 -1.46 3.34
C ILE A 195 6.10 -1.40 1.96
N GLN A 196 7.43 -1.50 1.87
CA GLN A 196 8.06 -1.69 0.56
C GLN A 196 7.39 -2.80 -0.28
N GLN A 197 7.08 -3.93 0.35
CA GLN A 197 6.48 -5.06 -0.35
C GLN A 197 5.12 -4.68 -0.93
N TYR A 198 4.33 -3.95 -0.14
CA TYR A 198 3.07 -3.39 -0.65
C TYR A 198 3.27 -2.40 -1.80
N ALA A 199 4.26 -1.53 -1.66
CA ALA A 199 4.54 -0.53 -2.69
C ALA A 199 4.97 -1.18 -4.02
N LEU A 200 5.76 -2.26 -3.97
CA LEU A 200 6.09 -3.04 -5.18
C LEU A 200 4.84 -3.55 -5.90
N ALA A 201 3.86 -4.03 -5.13
CA ALA A 201 2.59 -4.49 -5.73
C ALA A 201 1.78 -3.32 -6.34
N ILE A 202 1.74 -2.20 -5.63
CA ILE A 202 1.09 -0.99 -6.14
C ILE A 202 1.77 -0.58 -7.47
N ALA A 203 3.10 -0.61 -7.50
CA ALA A 203 3.87 -0.22 -8.70
C ALA A 203 3.55 -1.11 -9.87
N ARG A 204 3.46 -2.41 -9.59
CA ARG A 204 3.16 -3.38 -10.62
C ARG A 204 1.79 -3.12 -11.26
N ILE A 205 0.80 -2.79 -10.44
CA ILE A 205 -0.54 -2.50 -10.97
C ILE A 205 -0.54 -1.19 -11.76
N PHE A 206 0.11 -0.18 -11.21
CA PHE A 206 0.28 1.12 -11.88
C PHE A 206 0.91 0.96 -13.29
N LYS A 207 1.98 0.17 -13.35
CA LYS A 207 2.67 -0.12 -14.61
C LYS A 207 1.76 -0.85 -15.60
N GLU A 208 0.95 -1.79 -15.12
CA GLU A 208 0.02 -2.52 -15.97
C GLU A 208 -0.99 -1.57 -16.61
N LYS A 209 -1.57 -0.67 -15.81
CA LYS A 209 -2.62 0.20 -16.28
C LYS A 209 -2.10 1.45 -16.98
N CYS A 210 -0.92 1.92 -16.61
CA CYS A 210 -0.38 3.18 -17.14
C CYS A 210 1.06 3.02 -17.57
N PRO A 211 1.33 2.21 -18.60
CA PRO A 211 2.72 1.89 -18.90
C PRO A 211 3.57 3.09 -19.29
N TRP A 212 3.01 4.01 -20.06
CA TRP A 212 3.79 5.17 -20.52
C TRP A 212 4.13 6.09 -19.35
N THR A 213 3.14 6.35 -18.50
CA THR A 213 3.36 7.19 -17.31
C THR A 213 4.37 6.55 -16.37
N PHE A 214 4.25 5.24 -16.16
CA PHE A 214 5.16 4.54 -15.26
C PHE A 214 6.60 4.60 -15.74
N GLU A 215 6.82 4.30 -17.02
CA GLU A 215 8.17 4.35 -17.58
C GLU A 215 8.75 5.77 -17.54
N ALA A 216 7.93 6.76 -17.87
CA ALA A 216 8.38 8.15 -17.77
C ALA A 216 8.71 8.51 -16.32
N PHE A 217 7.87 8.08 -15.39
CA PHE A 217 8.11 8.26 -13.96
C PHE A 217 9.48 7.70 -13.55
N LEU A 218 9.72 6.43 -13.87
CA LEU A 218 11.01 5.80 -13.54
C LEU A 218 12.19 6.54 -14.11
N LYS A 219 12.08 6.94 -15.37
CA LYS A 219 13.16 7.60 -16.07
C LYS A 219 13.44 9.03 -15.54
N TYR A 220 12.40 9.78 -15.19
CA TYR A 220 12.54 11.22 -14.97
C TYR A 220 12.24 11.74 -13.58
N ALA A 221 11.35 11.08 -12.84
CA ALA A 221 10.84 11.66 -11.59
C ALA A 221 10.97 10.77 -10.36
N TYR A 222 11.07 9.46 -10.54
CA TYR A 222 11.14 8.54 -9.39
C TYR A 222 12.39 8.80 -8.60
N LYS A 223 12.23 8.95 -7.29
CA LYS A 223 13.30 9.37 -6.39
C LYS A 223 13.87 8.21 -5.57
N GLY A 224 13.17 7.08 -5.54
CA GLY A 224 13.58 5.95 -4.73
C GLY A 224 14.66 5.11 -5.37
N ASP A 225 15.03 4.03 -4.69
CA ASP A 225 16.17 3.22 -5.09
C ASP A 225 15.84 1.74 -5.25
N ILE A 226 14.57 1.34 -5.39
CA ILE A 226 14.29 -0.09 -5.63
C ILE A 226 13.67 -0.39 -7.00
N LEU A 227 12.77 0.48 -7.49
CA LEU A 227 12.05 0.17 -8.73
C LEU A 227 12.95 0.15 -9.99
N LYS A 228 14.05 0.88 -9.96
CA LYS A 228 15.05 0.77 -11.04
C LYS A 228 15.90 -0.51 -10.96
N GLU A 229 15.80 -1.23 -9.84
CA GLU A 229 16.60 -2.44 -9.60
C GLU A 229 15.77 -3.75 -9.69
N VAL A 230 14.46 -3.65 -9.94
CA VAL A 230 13.58 -4.82 -10.08
C VAL A 230 12.72 -4.71 -11.33
#